data_6UC8
#
_entry.id   6UC8
#
_cell.length_a   132.545
_cell.length_b   35.184
_cell.length_c   41.934
_cell.angle_alpha   90.00
_cell.angle_beta   90.34
_cell.angle_gamma   90.00
#
_symmetry.space_group_name_H-M   'C 1 2 1'
#
loop_
_entity.id
_entity.type
_entity.pdbx_description
1 polymer 'Guanine riboswitch'
2 non-polymer 8-AMINOGUANINE
3 non-polymer 'COBALT HEXAMMINE(III)'
4 non-polymer 'ACETATE ION'
5 water water
#
_entity_poly.entity_id   1
_entity_poly.type   'polyribonucleotide'
_entity_poly.pdbx_seq_one_letter_code
;GGACAUAUAAUCGCGUGGAUAUGGCACGCAAGUUUCUACCGGGCACCGUAAAUGUCCGACUAUGUCC
;
_entity_poly.pdbx_strand_id   B
#